data_5RZ7
#
_entry.id   5RZ7
#
_cell.length_a   38.600
_cell.length_b   77.560
_cell.length_c   99.240
_cell.angle_alpha   90.000
_cell.angle_beta   90.000
_cell.angle_gamma   90.000
#
_symmetry.space_group_name_H-M   'P 21 21 21'
#
loop_
_entity.id
_entity.type
_entity.pdbx_description
1 polymer 'Isoform 2 of Band 4.1-like protein 3'
2 non-polymer 1-[2-methyl-1,3-bis(oxidanyl)propan-2-yl]-3-phenyl-urea
3 non-polymer 'DIMETHYL SULFOXIDE'
4 non-polymer 1,2-ETHANEDIOL
5 water water
#
_entity_poly.entity_id   1
_entity_poly.type   'polypeptide(L)'
_entity_poly.pdbx_seq_one_letter_code
;SMPKSMQCKVILLDGSEYTCDVEKRSRGQVLFDKVCEHLNLLEKDYFGLTYRDAENQKNWLDPAKEIKKQVRSGAWHFSF
NVKFYPPDPAQLSEDITRYYLCLQLRDDIVSGRLPCSFVTLALLGSYTVQSELGDYDPDECGSDYISEFRFAPNHTKELE
DKVIELHKSHRGMTPAEAEMHFLENAKKLSMYGVDLHHAKDSEGVEIMLGVCASGLLIYRDRLRINRFAWPKVLKISYKR
NNFYIKIRPGEFEQFESTIGFKLPNHRAAKRLWKVCVEHHTFFRLL
;
_entity_poly.pdbx_strand_id   A
#
loop_
_chem_comp.id
_chem_comp.type
_chem_comp.name
_chem_comp.formula
AYV non-polymer 1-[2-methyl-1,3-bis(oxidanyl)propan-2-yl]-3-phenyl-urea 'C11 H16 N2 O3'
DMS non-polymer 'DIMETHYL SULFOXIDE' 'C2 H6 O S'
EDO non-polymer 1,2-ETHANEDIOL 'C2 H6 O2'
#
# COMPACT_ATOMS: atom_id res chain seq x y z
N PRO A 3 35.89 -5.19 -5.20
CA PRO A 3 34.58 -5.23 -4.52
C PRO A 3 33.42 -5.22 -5.54
N LYS A 4 32.83 -6.39 -5.81
CA LYS A 4 31.90 -6.56 -6.95
C LYS A 4 30.52 -5.99 -6.65
N SER A 5 30.00 -5.17 -7.56
N SER A 5 30.04 -5.14 -7.55
CA SER A 5 28.73 -4.40 -7.39
CA SER A 5 28.75 -4.42 -7.46
C SER A 5 27.68 -4.84 -8.41
C SER A 5 27.70 -5.14 -8.31
N MET A 6 26.42 -4.96 -7.98
CA MET A 6 25.28 -5.38 -8.83
C MET A 6 24.47 -4.13 -9.17
N GLN A 7 24.03 -4.03 -10.41
CA GLN A 7 23.14 -2.97 -10.87
C GLN A 7 21.73 -3.24 -10.32
N CYS A 8 21.12 -2.22 -9.74
CA CYS A 8 19.73 -2.29 -9.19
C CYS A 8 18.87 -1.32 -9.99
N LYS A 9 17.69 -1.76 -10.38
CA LYS A 9 16.70 -0.90 -11.02
C LYS A 9 15.48 -0.83 -10.12
N VAL A 10 15.07 0.40 -9.80
CA VAL A 10 13.92 0.64 -8.88
C VAL A 10 12.87 1.47 -9.60
N ILE A 11 11.67 0.93 -9.73
CA ILE A 11 10.50 1.68 -10.24
C ILE A 11 10.02 2.57 -9.08
N LEU A 12 10.12 3.88 -9.28
CA LEU A 12 9.63 4.91 -8.34
C LEU A 12 8.13 5.15 -8.51
N LEU A 13 7.53 5.82 -7.54
CA LEU A 13 6.04 5.95 -7.50
C LEU A 13 5.54 6.85 -8.63
N ASP A 14 6.37 7.71 -9.21
CA ASP A 14 6.00 8.55 -10.38
C ASP A 14 6.18 7.75 -11.68
N GLY A 15 6.47 6.44 -11.60
CA GLY A 15 6.59 5.55 -12.78
C GLY A 15 7.98 5.61 -13.42
N SER A 16 8.87 6.46 -12.94
CA SER A 16 10.25 6.54 -13.47
C SER A 16 11.14 5.47 -12.82
N GLU A 17 12.31 5.26 -13.44
CA GLU A 17 13.30 4.22 -13.06
C GLU A 17 14.52 4.89 -12.43
N TYR A 18 14.90 4.47 -11.23
CA TYR A 18 16.18 4.84 -10.60
C TYR A 18 17.11 3.64 -10.71
N THR A 19 18.35 3.87 -11.17
CA THR A 19 19.41 2.84 -11.30
C THR A 19 20.54 3.20 -10.35
N CYS A 20 21.01 2.26 -9.54
CA CYS A 20 22.25 2.43 -8.76
C CYS A 20 22.95 1.09 -8.66
N ASP A 21 24.11 1.07 -8.03
CA ASP A 21 24.89 -0.16 -7.83
C ASP A 21 25.03 -0.35 -6.33
N VAL A 22 25.08 -1.58 -5.86
CA VAL A 22 25.42 -1.91 -4.45
C VAL A 22 26.38 -3.09 -4.51
N GLU A 23 27.26 -3.22 -3.52
CA GLU A 23 28.10 -4.43 -3.37
C GLU A 23 27.17 -5.63 -3.38
N LYS A 24 27.57 -6.72 -4.03
CA LYS A 24 26.67 -7.88 -4.32
C LYS A 24 26.20 -8.54 -3.01
N ARG A 25 26.93 -8.42 -1.90
CA ARG A 25 26.53 -9.00 -0.58
C ARG A 25 25.75 -7.98 0.28
N SER A 26 25.40 -6.84 -0.28
CA SER A 26 24.62 -5.76 0.40
C SER A 26 23.30 -6.28 0.97
N ARG A 27 22.96 -5.82 2.17
CA ARG A 27 21.65 -6.00 2.82
C ARG A 27 20.67 -5.04 2.15
N GLY A 28 19.36 -5.33 2.24
CA GLY A 28 18.36 -4.49 1.59
C GLY A 28 18.39 -3.03 2.06
N GLN A 29 18.71 -2.80 3.34
CA GLN A 29 18.77 -1.41 3.89
C GLN A 29 19.67 -0.53 3.00
N VAL A 30 20.79 -1.08 2.53
CA VAL A 30 21.79 -0.29 1.73
C VAL A 30 21.06 0.32 0.55
N LEU A 31 20.36 -0.50 -0.23
CA LEU A 31 19.64 -0.04 -1.43
C LEU A 31 18.51 0.91 -1.01
N PHE A 32 17.75 0.55 -0.01
CA PHE A 32 16.62 1.40 0.48
C PHE A 32 17.14 2.80 0.82
N ASP A 33 18.24 2.89 1.55
CA ASP A 33 18.83 4.20 1.97
C ASP A 33 19.16 5.00 0.70
N LYS A 34 19.73 4.36 -0.32
CA LYS A 34 20.08 5.04 -1.59
C LYS A 34 18.82 5.59 -2.25
N VAL A 35 17.74 4.79 -2.29
CA VAL A 35 16.51 5.23 -2.98
C VAL A 35 15.89 6.41 -2.19
N CYS A 36 15.79 6.28 -0.88
CA CYS A 36 15.22 7.35 -0.02
C CYS A 36 16.05 8.63 -0.15
N GLU A 37 17.37 8.53 -0.17
CA GLU A 37 18.23 9.74 -0.37
C GLU A 37 17.90 10.38 -1.70
N HIS A 38 17.85 9.57 -2.76
CA HIS A 38 17.45 10.05 -4.09
C HIS A 38 16.09 10.77 -4.01
N LEU A 39 15.17 10.25 -3.20
CA LEU A 39 13.79 10.79 -3.15
C LEU A 39 13.71 11.98 -2.17
N ASN A 40 14.79 12.35 -1.49
CA ASN A 40 14.82 13.35 -0.36
C ASN A 40 13.77 12.99 0.70
N LEU A 41 13.64 11.71 1.03
CA LEU A 41 12.64 11.20 1.97
C LEU A 41 13.33 10.91 3.31
N LEU A 42 12.84 11.53 4.37
CA LEU A 42 13.34 11.35 5.73
C LEU A 42 12.44 10.44 6.54
N GLU A 43 11.12 10.49 6.31
CA GLU A 43 10.20 9.65 7.08
C GLU A 43 10.13 8.30 6.38
N LYS A 44 11.20 7.52 6.46
CA LYS A 44 11.40 6.27 5.68
C LYS A 44 10.59 5.09 6.23
N ASP A 45 10.18 5.14 7.51
CA ASP A 45 9.57 4.02 8.26
C ASP A 45 8.31 3.49 7.58
N TYR A 46 7.60 4.30 6.80
CA TYR A 46 6.32 3.92 6.17
C TYR A 46 6.55 3.18 4.85
N PHE A 47 7.78 3.13 4.35
CA PHE A 47 8.06 2.65 2.96
C PHE A 47 8.95 1.42 2.97
N GLY A 48 9.08 0.81 1.81
CA GLY A 48 9.95 -0.34 1.59
C GLY A 48 10.11 -0.56 0.09
N LEU A 49 10.89 -1.56 -0.24
CA LEU A 49 11.08 -2.01 -1.64
C LEU A 49 10.42 -3.38 -1.76
N THR A 50 9.80 -3.59 -2.90
CA THR A 50 9.24 -4.89 -3.27
C THR A 50 10.07 -5.47 -4.42
N TYR A 51 10.06 -6.79 -4.52
CA TYR A 51 10.54 -7.51 -5.70
C TYR A 51 9.50 -8.59 -6.03
N ARG A 52 9.62 -9.16 -7.22
CA ARG A 52 8.77 -10.26 -7.72
C ARG A 52 9.59 -11.54 -7.60
N ASP A 53 9.05 -12.59 -6.98
CA ASP A 53 9.77 -13.86 -6.78
C ASP A 53 9.59 -14.72 -8.03
N ALA A 54 10.17 -15.92 -8.00
CA ALA A 54 10.16 -16.88 -9.13
C ALA A 54 8.73 -17.35 -9.40
N GLU A 55 7.81 -17.20 -8.43
CA GLU A 55 6.36 -17.49 -8.61
C GLU A 55 5.60 -16.22 -9.05
N ASN A 56 6.30 -15.09 -9.28
CA ASN A 56 5.76 -13.76 -9.69
C ASN A 56 4.97 -13.08 -8.56
N GLN A 57 5.16 -13.47 -7.29
CA GLN A 57 4.46 -12.81 -6.17
C GLN A 57 5.29 -11.60 -5.71
N LYS A 58 4.62 -10.52 -5.34
CA LYS A 58 5.24 -9.36 -4.64
C LYS A 58 5.72 -9.80 -3.26
N ASN A 59 6.98 -9.52 -2.97
CA ASN A 59 7.61 -9.76 -1.66
C ASN A 59 8.20 -8.43 -1.19
N TRP A 60 8.19 -8.18 0.11
CA TRP A 60 8.94 -7.04 0.68
C TRP A 60 10.40 -7.45 0.76
N LEU A 61 11.29 -6.62 0.27
CA LEU A 61 12.74 -6.78 0.47
C LEU A 61 13.02 -6.51 1.94
N ASP A 62 13.53 -7.51 2.67
CA ASP A 62 13.85 -7.34 4.10
C ASP A 62 15.13 -6.54 4.21
N PRO A 63 15.11 -5.36 4.86
CA PRO A 63 16.30 -4.52 4.89
C PRO A 63 17.46 -5.13 5.68
N ALA A 64 17.15 -6.09 6.55
CA ALA A 64 18.16 -6.73 7.44
C ALA A 64 18.90 -7.88 6.75
N LYS A 65 18.38 -8.37 5.63
CA LYS A 65 18.93 -9.58 4.96
C LYS A 65 19.61 -9.24 3.65
N GLU A 66 20.54 -10.08 3.24
CA GLU A 66 21.22 -9.89 1.94
C GLU A 66 20.15 -9.82 0.83
N ILE A 67 20.34 -8.87 -0.08
CA ILE A 67 19.50 -8.74 -1.30
C ILE A 67 19.57 -10.05 -2.08
N LYS A 68 20.77 -10.61 -2.25
CA LYS A 68 20.98 -11.80 -3.11
C LYS A 68 20.23 -13.00 -2.55
N LYS A 69 20.04 -13.11 -1.24
CA LYS A 69 19.39 -14.29 -0.63
C LYS A 69 17.86 -14.16 -0.68
N GLN A 70 17.37 -13.01 -1.13
CA GLN A 70 15.93 -12.74 -1.32
C GLN A 70 15.59 -12.85 -2.80
N VAL A 71 16.28 -12.12 -3.66
CA VAL A 71 15.95 -12.11 -5.12
C VAL A 71 16.40 -13.45 -5.71
N ARG A 72 17.42 -14.07 -5.13
CA ARG A 72 17.87 -15.46 -5.44
C ARG A 72 18.16 -15.52 -6.92
N SER A 73 17.29 -16.12 -7.72
CA SER A 73 17.56 -16.41 -9.14
C SER A 73 17.08 -15.23 -9.99
N GLY A 74 16.25 -14.34 -9.42
CA GLY A 74 15.58 -13.26 -10.18
C GLY A 74 16.48 -12.06 -10.42
N ALA A 75 15.99 -11.15 -11.25
CA ALA A 75 16.64 -9.86 -11.58
C ALA A 75 16.66 -8.98 -10.34
N TRP A 76 17.63 -8.08 -10.27
CA TRP A 76 17.70 -7.06 -9.17
C TRP A 76 16.85 -5.86 -9.59
N HIS A 77 15.56 -6.14 -9.71
CA HIS A 77 14.53 -5.18 -10.11
C HIS A 77 13.54 -5.02 -8.95
N PHE A 78 13.20 -3.80 -8.63
CA PHE A 78 12.44 -3.51 -7.39
C PHE A 78 11.43 -2.41 -7.69
N SER A 79 10.43 -2.28 -6.83
CA SER A 79 9.55 -1.10 -6.80
C SER A 79 9.66 -0.45 -5.43
N PHE A 80 9.58 0.87 -5.39
CA PHE A 80 9.47 1.66 -4.15
C PHE A 80 8.00 1.82 -3.80
N ASN A 81 7.60 1.42 -2.59
CA ASN A 81 6.17 1.36 -2.21
C ASN A 81 5.96 1.79 -0.77
N VAL A 82 4.75 2.22 -0.49
CA VAL A 82 4.26 2.38 0.90
C VAL A 82 4.05 0.98 1.47
N LYS A 83 4.66 0.72 2.62
CA LYS A 83 4.55 -0.54 3.37
C LYS A 83 3.50 -0.41 4.46
N PHE A 84 3.57 0.65 5.25
CA PHE A 84 2.65 0.90 6.39
C PHE A 84 1.88 2.19 6.10
N TYR A 85 0.61 2.08 5.73
CA TYR A 85 -0.23 3.24 5.37
C TYR A 85 -0.63 3.95 6.67
N PRO A 86 -0.22 5.21 6.92
CA PRO A 86 -0.56 5.84 8.21
C PRO A 86 -2.05 6.08 8.34
N PRO A 87 -2.69 5.70 9.47
CA PRO A 87 -4.11 5.95 9.64
C PRO A 87 -4.43 7.44 9.64
N ASP A 88 -3.48 8.26 10.03
CA ASP A 88 -3.70 9.72 10.07
C ASP A 88 -2.55 10.45 9.42
N PRO A 89 -2.61 10.61 8.08
CA PRO A 89 -1.50 11.22 7.35
C PRO A 89 -1.21 12.67 7.80
N ALA A 90 -2.18 13.37 8.37
CA ALA A 90 -1.96 14.74 8.89
C ALA A 90 -0.84 14.71 9.93
N GLN A 91 -0.61 13.57 10.58
CA GLN A 91 0.39 13.50 11.66
C GLN A 91 1.79 13.24 11.09
N LEU A 92 1.96 12.97 9.79
CA LEU A 92 3.34 12.87 9.24
C LEU A 92 4.00 14.26 9.35
N SER A 93 5.30 14.29 9.57
CA SER A 93 6.01 15.55 9.87
C SER A 93 6.29 16.31 8.57
N GLU A 94 6.40 15.64 7.42
CA GLU A 94 6.80 16.34 6.18
C GLU A 94 5.78 16.18 5.05
N ASP A 95 5.64 17.25 4.29
CA ASP A 95 4.80 17.28 3.10
C ASP A 95 5.33 16.27 2.08
N ILE A 96 6.64 16.07 1.97
CA ILE A 96 7.17 15.19 0.88
C ILE A 96 6.73 13.75 1.17
N THR A 97 6.61 13.38 2.45
CA THR A 97 6.10 12.05 2.88
C THR A 97 4.67 11.92 2.36
N ARG A 98 3.86 12.94 2.57
CA ARG A 98 2.43 12.92 2.17
C ARG A 98 2.34 12.84 0.65
N TYR A 99 3.25 13.50 -0.04
CA TYR A 99 3.37 13.46 -1.52
C TYR A 99 3.60 12.02 -2.02
N TYR A 100 4.60 11.30 -1.52
CA TYR A 100 4.83 9.90 -1.94
C TYR A 100 3.60 9.03 -1.59
N LEU A 101 2.98 9.28 -0.43
CA LEU A 101 1.79 8.51 -0.01
C LEU A 101 0.67 8.75 -1.01
N CYS A 102 0.50 9.99 -1.51
CA CYS A 102 -0.50 10.30 -2.55
C CYS A 102 -0.18 9.50 -3.82
N LEU A 103 1.09 9.49 -4.25
CA LEU A 103 1.45 8.80 -5.51
C LEU A 103 1.10 7.32 -5.35
N GLN A 104 1.37 6.72 -4.20
CA GLN A 104 1.10 5.29 -3.97
C GLN A 104 -0.41 5.07 -4.09
N LEU A 105 -1.18 5.92 -3.45
CA LEU A 105 -2.64 5.78 -3.38
C LEU A 105 -3.24 5.95 -4.75
N ARG A 106 -2.71 6.86 -5.56
CA ARG A 106 -3.19 7.06 -6.95
C ARG A 106 -3.06 5.74 -7.70
N ASP A 107 -1.95 5.02 -7.50
CA ASP A 107 -1.76 3.69 -8.13
C ASP A 107 -2.70 2.66 -7.51
N ASP A 108 -2.90 2.68 -6.21
CA ASP A 108 -3.85 1.79 -5.53
C ASP A 108 -5.23 1.98 -6.17
N ILE A 109 -5.59 3.21 -6.49
CA ILE A 109 -6.92 3.51 -7.06
C ILE A 109 -6.97 3.03 -8.51
N VAL A 110 -6.03 3.47 -9.35
CA VAL A 110 -6.04 3.18 -10.82
C VAL A 110 -6.02 1.67 -11.03
N SER A 111 -5.25 0.96 -10.19
CA SER A 111 -5.04 -0.50 -10.20
C SER A 111 -6.34 -1.24 -9.83
N GLY A 112 -7.26 -0.61 -9.10
CA GLY A 112 -8.46 -1.29 -8.54
C GLY A 112 -8.22 -1.94 -7.20
N ARG A 113 -6.99 -1.90 -6.66
CA ARG A 113 -6.70 -2.41 -5.30
C ARG A 113 -7.49 -1.62 -4.26
N LEU A 114 -7.77 -0.33 -4.51
CA LEU A 114 -8.47 0.50 -3.51
C LEU A 114 -9.77 0.95 -4.13
N PRO A 115 -10.88 0.20 -3.94
CA PRO A 115 -12.14 0.53 -4.57
C PRO A 115 -12.61 1.87 -4.03
N CYS A 116 -13.38 2.59 -4.84
N CYS A 116 -13.19 2.69 -4.91
CA CYS A 116 -13.74 4.00 -4.61
CA CYS A 116 -13.76 4.03 -4.59
C CYS A 116 -15.02 4.34 -5.37
C CYS A 116 -15.13 4.16 -5.27
N SER A 117 -15.95 5.06 -4.74
CA SER A 117 -17.21 5.52 -5.37
C SER A 117 -16.85 6.48 -6.50
N PHE A 118 -17.73 6.63 -7.47
CA PHE A 118 -17.65 7.66 -8.53
C PHE A 118 -17.28 9.00 -7.92
N VAL A 119 -18.00 9.45 -6.90
CA VAL A 119 -17.81 10.82 -6.36
C VAL A 119 -16.43 10.93 -5.71
N THR A 120 -16.01 9.92 -4.95
CA THR A 120 -14.65 9.95 -4.36
C THR A 120 -13.55 9.88 -5.43
N LEU A 121 -13.70 9.06 -6.49
CA LEU A 121 -12.72 9.08 -7.60
C LEU A 121 -12.59 10.50 -8.15
N ALA A 122 -13.72 11.20 -8.35
CA ALA A 122 -13.71 12.55 -8.96
C ALA A 122 -13.09 13.54 -7.97
N LEU A 123 -13.40 13.41 -6.67
CA LEU A 123 -12.85 14.33 -5.66
C LEU A 123 -11.34 14.14 -5.53
N LEU A 124 -10.89 12.90 -5.40
CA LEU A 124 -9.43 12.57 -5.33
C LEU A 124 -8.73 13.08 -6.61
N GLY A 125 -9.29 12.80 -7.78
CA GLY A 125 -8.78 13.29 -9.05
C GLY A 125 -8.65 14.82 -9.04
N SER A 126 -9.67 15.54 -8.55
CA SER A 126 -9.69 17.03 -8.54
C SER A 126 -8.54 17.56 -7.66
N TYR A 127 -8.23 16.89 -6.56
CA TYR A 127 -7.09 17.30 -5.69
C TYR A 127 -5.77 17.02 -6.40
N THR A 128 -5.63 15.88 -7.04
CA THR A 128 -4.40 15.58 -7.84
C THR A 128 -4.20 16.67 -8.90
N VAL A 129 -5.27 17.00 -9.62
CA VAL A 129 -5.16 18.03 -10.69
C VAL A 129 -4.76 19.36 -10.06
N GLN A 130 -5.36 19.76 -8.94
CA GLN A 130 -5.02 21.03 -8.28
C GLN A 130 -3.53 21.03 -7.89
N SER A 131 -3.07 19.94 -7.27
N SER A 131 -3.05 19.90 -7.35
CA SER A 131 -1.66 19.76 -6.87
CA SER A 131 -1.68 19.73 -6.84
C SER A 131 -0.76 19.89 -8.10
C SER A 131 -0.66 19.63 -7.99
N GLU A 132 -1.07 19.16 -9.17
CA GLU A 132 -0.16 19.04 -10.33
C GLU A 132 -0.24 20.22 -11.27
N LEU A 133 -1.42 20.77 -11.57
CA LEU A 133 -1.56 21.86 -12.57
C LEU A 133 -1.77 23.20 -11.88
N GLY A 134 -2.19 23.20 -10.61
CA GLY A 134 -2.62 24.44 -9.94
C GLY A 134 -4.06 24.78 -10.31
N ASP A 135 -4.40 26.07 -10.27
CA ASP A 135 -5.79 26.57 -10.37
C ASP A 135 -6.40 26.17 -11.69
N TYR A 136 -7.70 25.91 -11.70
CA TYR A 136 -8.46 25.56 -12.92
C TYR A 136 -8.25 26.67 -13.96
N ASP A 137 -7.99 26.27 -15.20
CA ASP A 137 -7.88 27.12 -16.41
C ASP A 137 -8.79 26.57 -17.49
N PRO A 138 -9.82 27.32 -17.95
CA PRO A 138 -10.67 26.87 -19.07
C PRO A 138 -9.90 26.70 -20.39
N ASP A 139 -8.73 27.33 -20.53
CA ASP A 139 -7.91 27.32 -21.78
C ASP A 139 -7.50 25.89 -22.12
N GLU A 140 -7.16 25.08 -21.10
CA GLU A 140 -6.80 23.63 -21.26
C GLU A 140 -7.99 22.75 -20.87
N CYS A 141 -9.20 23.14 -21.30
CA CYS A 141 -10.44 22.43 -20.96
C CYS A 141 -11.64 23.04 -21.69
N GLY A 142 -11.95 22.49 -22.86
CA GLY A 142 -13.26 22.65 -23.53
C GLY A 142 -14.21 21.61 -22.99
N SER A 143 -15.42 21.59 -23.55
CA SER A 143 -16.48 20.61 -23.19
C SER A 143 -16.02 19.17 -23.50
N ASP A 144 -14.92 18.99 -24.26
CA ASP A 144 -14.48 17.65 -24.71
C ASP A 144 -13.15 17.25 -24.04
N TYR A 145 -12.81 17.84 -22.87
CA TYR A 145 -11.50 17.62 -22.20
C TYR A 145 -11.45 16.21 -21.57
N ILE A 146 -10.30 15.55 -21.77
CA ILE A 146 -9.90 14.27 -21.10
C ILE A 146 -8.45 14.41 -20.57
N SER A 147 -8.27 14.35 -19.24
CA SER A 147 -6.98 14.62 -18.55
C SER A 147 -5.98 13.54 -18.90
N GLU A 148 -4.70 13.89 -18.98
CA GLU A 148 -3.63 12.87 -19.13
C GLU A 148 -3.67 11.96 -17.91
N PHE A 149 -4.20 12.48 -16.78
CA PHE A 149 -4.07 11.85 -15.45
C PHE A 149 -5.06 10.68 -15.50
N ARG A 150 -4.54 9.57 -15.03
CA ARG A 150 -5.27 8.32 -14.71
C ARG A 150 -5.81 8.54 -13.29
N PHE A 151 -7.12 8.44 -13.17
CA PHE A 151 -7.92 8.69 -11.95
C PHE A 151 -8.58 7.43 -11.42
N ALA A 152 -8.81 6.42 -12.26
CA ALA A 152 -9.73 5.31 -11.93
C ALA A 152 -9.41 4.09 -12.80
N PRO A 153 -9.81 2.89 -12.37
CA PRO A 153 -9.57 1.68 -13.14
C PRO A 153 -10.24 1.75 -14.51
N ASN A 154 -11.38 2.44 -14.58
CA ASN A 154 -12.16 2.65 -15.82
C ASN A 154 -12.58 4.12 -15.87
N HIS A 155 -12.15 4.81 -16.91
CA HIS A 155 -12.44 6.24 -17.11
C HIS A 155 -13.72 6.40 -17.95
N THR A 156 -14.54 7.36 -17.58
CA THR A 156 -15.73 7.79 -18.35
C THR A 156 -15.66 9.29 -18.55
N LYS A 157 -16.40 9.78 -19.53
CA LYS A 157 -16.48 11.22 -19.80
C LYS A 157 -17.13 11.89 -18.59
N GLU A 158 -18.11 11.22 -17.99
CA GLU A 158 -18.82 11.75 -16.80
C GLU A 158 -17.81 11.94 -15.65
N LEU A 159 -16.88 10.99 -15.47
CA LEU A 159 -15.86 11.12 -14.40
C LEU A 159 -14.95 12.31 -14.73
N GLU A 160 -14.50 12.42 -15.97
CA GLU A 160 -13.65 13.56 -16.42
C GLU A 160 -14.34 14.87 -16.12
N ASP A 161 -15.65 14.95 -16.40
CA ASP A 161 -16.43 16.17 -16.20
C ASP A 161 -16.49 16.51 -14.70
N LYS A 162 -16.70 15.51 -13.86
CA LYS A 162 -16.87 15.73 -12.42
C LYS A 162 -15.54 16.19 -11.82
N VAL A 163 -14.44 15.60 -12.27
CA VAL A 163 -13.08 16.06 -11.84
C VAL A 163 -12.97 17.56 -12.10
N ILE A 164 -13.25 18.01 -13.31
CA ILE A 164 -13.14 19.45 -13.68
C ILE A 164 -14.07 20.30 -12.81
N GLU A 165 -15.32 19.86 -12.61
CA GLU A 165 -16.26 20.66 -11.79
C GLU A 165 -15.68 20.84 -10.39
N LEU A 166 -15.11 19.78 -9.79
CA LEU A 166 -14.57 19.89 -8.42
C LEU A 166 -13.27 20.69 -8.45
N HIS A 167 -12.47 20.53 -9.50
CA HIS A 167 -11.20 21.29 -9.66
C HIS A 167 -11.50 22.81 -9.60
N LYS A 168 -12.61 23.21 -10.20
CA LYS A 168 -12.98 24.65 -10.23
C LYS A 168 -13.12 25.17 -8.80
N SER A 169 -13.59 24.35 -7.87
CA SER A 169 -13.88 24.74 -6.47
C SER A 169 -12.56 24.90 -5.70
N HIS A 170 -11.42 24.42 -6.22
CA HIS A 170 -10.17 24.41 -5.42
C HIS A 170 -9.26 25.63 -5.68
N ARG A 171 -9.74 26.67 -6.34
CA ARG A 171 -8.86 27.82 -6.69
C ARG A 171 -8.12 28.34 -5.45
N GLY A 172 -6.79 28.57 -5.57
CA GLY A 172 -5.91 29.11 -4.53
C GLY A 172 -5.29 28.03 -3.66
N MET A 173 -5.67 26.77 -3.89
CA MET A 173 -5.21 25.67 -3.03
C MET A 173 -3.77 25.33 -3.44
N THR A 174 -2.86 25.25 -2.49
CA THR A 174 -1.46 24.89 -2.80
C THR A 174 -1.31 23.37 -2.95
N PRO A 175 -0.19 22.90 -3.54
CA PRO A 175 0.02 21.46 -3.69
C PRO A 175 -0.05 20.71 -2.37
N ALA A 176 0.60 21.20 -1.32
CA ALA A 176 0.60 20.58 0.03
C ALA A 176 -0.83 20.47 0.57
N GLU A 177 -1.61 21.54 0.40
CA GLU A 177 -3.02 21.62 0.83
C GLU A 177 -3.88 20.59 0.08
N ALA A 178 -3.75 20.54 -1.24
CA ALA A 178 -4.53 19.60 -2.10
C ALA A 178 -4.12 18.14 -1.74
N GLU A 179 -2.83 17.88 -1.49
CA GLU A 179 -2.35 16.55 -1.09
C GLU A 179 -2.95 16.20 0.27
N MET A 180 -3.00 17.15 1.23
CA MET A 180 -3.60 16.86 2.54
C MET A 180 -5.08 16.51 2.34
N HIS A 181 -5.82 17.24 1.52
CA HIS A 181 -7.25 16.97 1.26
C HIS A 181 -7.42 15.61 0.60
N PHE A 182 -6.51 15.28 -0.29
CA PHE A 182 -6.55 13.97 -0.97
C PHE A 182 -6.53 12.88 0.12
N LEU A 183 -5.55 12.97 1.01
CA LEU A 183 -5.31 11.99 2.08
C LEU A 183 -6.47 11.95 3.08
N GLU A 184 -7.06 13.08 3.44
CA GLU A 184 -8.17 13.10 4.44
C GLU A 184 -9.35 12.30 3.89
N ASN A 185 -9.55 12.35 2.57
CA ASN A 185 -10.60 11.55 1.88
C ASN A 185 -10.15 10.10 1.71
N ALA A 186 -8.95 9.86 1.18
CA ALA A 186 -8.46 8.49 0.86
C ALA A 186 -8.46 7.62 2.11
N LYS A 187 -8.03 8.18 3.25
CA LYS A 187 -7.78 7.45 4.51
C LYS A 187 -9.09 6.84 5.03
N LYS A 188 -10.24 7.31 4.57
CA LYS A 188 -11.56 6.83 5.09
C LYS A 188 -12.08 5.65 4.28
N LEU A 189 -11.49 5.38 3.12
CA LEU A 189 -11.98 4.29 2.24
C LEU A 189 -11.82 2.97 2.99
N SER A 190 -12.81 2.10 2.88
CA SER A 190 -12.85 0.85 3.68
C SER A 190 -11.64 -0.02 3.34
N MET A 191 -11.01 0.10 2.16
CA MET A 191 -9.82 -0.74 1.85
C MET A 191 -8.50 0.05 1.92
N TYR A 192 -8.49 1.24 2.51
CA TYR A 192 -7.25 2.03 2.70
C TYR A 192 -6.23 1.25 3.52
N GLY A 193 -5.07 1.03 2.90
CA GLY A 193 -3.91 0.38 3.53
C GLY A 193 -4.17 -1.07 3.89
N VAL A 194 -5.17 -1.69 3.26
CA VAL A 194 -5.48 -3.14 3.47
C VAL A 194 -4.68 -3.96 2.47
N ASP A 195 -3.78 -4.80 2.96
CA ASP A 195 -3.01 -5.78 2.15
C ASP A 195 -3.82 -7.09 2.09
N LEU A 196 -4.32 -7.50 0.92
CA LEU A 196 -5.24 -8.66 0.77
C LEU A 196 -4.47 -9.93 0.40
N HIS A 197 -4.81 -11.03 1.07
CA HIS A 197 -4.23 -12.36 0.82
C HIS A 197 -5.36 -13.36 0.61
N HIS A 198 -5.39 -14.03 -0.55
CA HIS A 198 -6.28 -15.20 -0.83
C HIS A 198 -5.99 -16.33 0.16
N ALA A 199 -7.04 -16.93 0.71
CA ALA A 199 -6.95 -18.07 1.65
C ALA A 199 -8.25 -18.88 1.62
N LYS A 200 -8.22 -20.07 2.20
CA LYS A 200 -9.42 -20.90 2.49
C LYS A 200 -9.57 -21.00 4.01
N ASP A 201 -10.81 -21.01 4.48
CA ASP A 201 -11.08 -21.18 5.92
C ASP A 201 -10.93 -22.67 6.21
N SER A 202 -11.10 -23.08 7.48
CA SER A 202 -10.94 -24.47 7.96
C SER A 202 -11.92 -25.42 7.28
N GLU A 203 -13.01 -24.92 6.69
CA GLU A 203 -14.00 -25.75 5.97
C GLU A 203 -13.64 -25.83 4.47
N GLY A 204 -12.68 -25.02 4.01
CA GLY A 204 -12.25 -24.99 2.60
C GLY A 204 -12.93 -23.90 1.77
N VAL A 205 -13.68 -23.00 2.41
CA VAL A 205 -14.40 -21.89 1.71
C VAL A 205 -13.36 -20.80 1.42
N GLU A 206 -13.38 -20.26 0.20
CA GLU A 206 -12.43 -19.24 -0.28
C GLU A 206 -12.76 -17.91 0.38
N ILE A 207 -11.79 -17.33 1.08
CA ILE A 207 -11.94 -16.04 1.80
C ILE A 207 -10.79 -15.13 1.35
N MET A 208 -10.80 -13.90 1.84
CA MET A 208 -9.62 -13.00 1.77
C MET A 208 -9.25 -12.62 3.20
N LEU A 209 -7.95 -12.57 3.48
CA LEU A 209 -7.43 -12.07 4.77
C LEU A 209 -6.81 -10.69 4.50
N GLY A 210 -7.25 -9.66 5.23
CA GLY A 210 -6.72 -8.29 5.06
C GLY A 210 -5.82 -7.95 6.23
N VAL A 211 -4.67 -7.33 5.98
CA VAL A 211 -3.77 -6.84 7.06
C VAL A 211 -3.72 -5.32 6.98
N CYS A 212 -3.93 -4.62 8.08
CA CYS A 212 -3.90 -3.13 8.10
C CYS A 212 -3.47 -2.64 9.49
N ALA A 213 -3.40 -1.33 9.66
CA ALA A 213 -3.03 -0.66 10.92
C ALA A 213 -3.85 -1.17 12.13
N SER A 214 -5.16 -1.32 11.96
CA SER A 214 -6.10 -1.64 13.06
C SER A 214 -5.95 -3.11 13.45
N GLY A 215 -5.79 -3.99 12.47
CA GLY A 215 -5.73 -5.43 12.75
C GLY A 215 -5.88 -6.28 11.53
N LEU A 216 -6.48 -7.45 11.75
CA LEU A 216 -6.73 -8.46 10.70
C LEU A 216 -8.21 -8.42 10.34
N LEU A 217 -8.51 -8.59 9.06
CA LEU A 217 -9.90 -8.70 8.57
C LEU A 217 -10.01 -10.03 7.87
N ILE A 218 -11.13 -10.71 8.09
CA ILE A 218 -11.50 -11.91 7.30
C ILE A 218 -12.74 -11.51 6.51
N TYR A 219 -12.60 -11.45 5.19
CA TYR A 219 -13.71 -11.20 4.23
C TYR A 219 -14.26 -12.55 3.78
N ARG A 220 -15.34 -13.02 4.42
CA ARG A 220 -16.01 -14.31 4.12
C ARG A 220 -16.90 -14.10 2.89
N ASP A 221 -17.67 -13.01 2.90
CA ASP A 221 -18.34 -12.40 1.72
C ASP A 221 -18.86 -11.02 2.14
N ARG A 222 -19.57 -10.32 1.26
CA ARG A 222 -20.01 -8.91 1.47
C ARG A 222 -20.79 -8.81 2.78
N LEU A 223 -21.50 -9.87 3.16
CA LEU A 223 -22.17 -9.99 4.49
C LEU A 223 -21.45 -11.08 5.31
N ARG A 224 -20.82 -10.66 6.42
CA ARG A 224 -19.99 -11.46 7.35
C ARG A 224 -18.51 -11.15 7.10
N ILE A 225 -18.03 -10.05 7.69
CA ILE A 225 -16.59 -9.67 7.78
C ILE A 225 -16.20 -9.69 9.26
N ASN A 226 -15.29 -10.60 9.64
CA ASN A 226 -14.73 -10.70 11.02
C ASN A 226 -13.51 -9.80 11.11
N ARG A 227 -13.42 -9.01 12.18
CA ARG A 227 -12.34 -8.03 12.42
C ARG A 227 -11.68 -8.36 13.77
N PHE A 228 -10.35 -8.46 13.77
CA PHE A 228 -9.58 -8.79 14.99
C PHE A 228 -8.64 -7.60 15.19
N ALA A 229 -9.03 -6.62 16.02
CA ALA A 229 -8.15 -5.51 16.43
C ALA A 229 -6.88 -6.18 16.93
N TRP A 230 -5.71 -5.57 16.69
CA TRP A 230 -4.44 -6.10 17.25
C TRP A 230 -4.65 -6.42 18.73
N PRO A 231 -5.37 -5.58 19.52
CA PRO A 231 -5.79 -5.93 20.87
C PRO A 231 -7.00 -6.87 20.85
N LYS A 232 -6.73 -8.16 20.59
CA LYS A 232 -7.69 -9.29 20.46
C LYS A 232 -6.93 -10.49 19.89
N VAL A 233 -5.98 -10.23 19.00
CA VAL A 233 -5.03 -11.24 18.46
C VAL A 233 -3.96 -11.43 19.54
N LEU A 234 -3.84 -12.65 20.07
CA LEU A 234 -2.80 -13.00 21.07
C LEU A 234 -1.52 -13.31 20.30
N LYS A 235 -1.62 -14.17 19.28
CA LYS A 235 -0.46 -14.74 18.54
C LYS A 235 -0.91 -15.17 17.14
N ILE A 236 0.05 -15.25 16.22
CA ILE A 236 -0.15 -15.74 14.83
C ILE A 236 0.99 -16.72 14.52
N SER A 237 0.77 -17.67 13.61
CA SER A 237 1.73 -18.75 13.31
C SER A 237 1.54 -19.25 11.87
N TYR A 238 2.65 -19.65 11.23
CA TYR A 238 2.63 -20.43 9.97
C TYR A 238 3.40 -21.73 10.20
N LYS A 239 2.86 -22.79 9.62
CA LYS A 239 3.38 -24.18 9.70
C LYS A 239 2.95 -24.84 8.39
N ARG A 240 3.91 -25.17 7.51
CA ARG A 240 3.65 -25.69 6.15
C ARG A 240 2.80 -24.64 5.39
N ASN A 241 1.63 -25.02 4.86
CA ASN A 241 0.74 -24.13 4.06
C ASN A 241 -0.27 -23.43 4.97
N ASN A 242 -0.16 -23.63 6.29
CA ASN A 242 -1.22 -23.27 7.26
C ASN A 242 -0.89 -21.93 7.92
N PHE A 243 -1.90 -21.06 7.97
CA PHE A 243 -1.88 -19.80 8.74
C PHE A 243 -2.91 -19.92 9.86
N TYR A 244 -2.47 -19.78 11.11
CA TYR A 244 -3.32 -19.87 12.32
C TYR A 244 -3.35 -18.50 13.01
N ILE A 245 -4.54 -18.08 13.43
CA ILE A 245 -4.70 -16.86 14.28
C ILE A 245 -5.24 -17.31 15.64
N LYS A 246 -4.56 -16.91 16.70
CA LYS A 246 -4.99 -17.15 18.10
C LYS A 246 -5.65 -15.87 18.60
N ILE A 247 -6.90 -15.97 19.05
CA ILE A 247 -7.76 -14.85 19.52
C ILE A 247 -7.93 -14.97 21.03
N ARG A 248 -7.74 -13.87 21.76
CA ARG A 248 -7.97 -13.83 23.24
C ARG A 248 -9.39 -14.29 23.56
N PRO A 249 -9.62 -14.95 24.71
CA PRO A 249 -10.99 -15.25 25.14
C PRO A 249 -11.69 -13.95 25.54
N GLY A 250 -13.03 -13.91 25.43
CA GLY A 250 -13.84 -12.88 26.11
C GLY A 250 -13.58 -12.92 27.61
N GLU A 251 -13.79 -11.81 28.31
CA GLU A 251 -13.58 -11.70 29.79
C GLU A 251 -14.42 -12.79 30.49
N PHE A 252 -13.82 -13.49 31.45
CA PHE A 252 -14.41 -14.62 32.23
C PHE A 252 -14.63 -15.83 31.31
N GLU A 253 -13.66 -16.08 30.44
CA GLU A 253 -13.56 -17.30 29.58
C GLU A 253 -12.11 -17.77 29.63
N GLN A 254 -11.89 -19.09 29.73
CA GLN A 254 -10.60 -19.69 30.17
C GLN A 254 -9.60 -19.74 29.01
N PHE A 255 -10.05 -20.05 27.77
CA PHE A 255 -9.15 -20.48 26.67
C PHE A 255 -9.36 -19.65 25.40
N GLU A 256 -8.24 -19.20 24.84
CA GLU A 256 -8.16 -18.55 23.50
C GLU A 256 -8.75 -19.49 22.45
N SER A 257 -9.30 -18.93 21.37
CA SER A 257 -9.77 -19.70 20.19
C SER A 257 -8.69 -19.65 19.10
N THR A 258 -8.65 -20.67 18.25
CA THR A 258 -7.76 -20.75 17.08
C THR A 258 -8.64 -20.78 15.83
N ILE A 259 -8.36 -19.88 14.88
CA ILE A 259 -8.94 -19.92 13.51
C ILE A 259 -7.78 -20.27 12.56
N GLY A 260 -7.97 -21.33 11.77
CA GLY A 260 -6.95 -21.86 10.86
C GLY A 260 -7.27 -21.49 9.43
N PHE A 261 -6.26 -21.13 8.64
CA PHE A 261 -6.47 -20.85 7.20
C PHE A 261 -5.50 -21.68 6.40
N LYS A 262 -5.93 -22.05 5.19
CA LYS A 262 -5.10 -22.74 4.19
C LYS A 262 -4.70 -21.72 3.14
N LEU A 263 -3.41 -21.47 2.99
CA LEU A 263 -2.86 -20.59 1.93
C LEU A 263 -2.48 -21.47 0.74
N PRO A 264 -2.33 -20.86 -0.47
CA PRO A 264 -1.90 -21.57 -1.68
C PRO A 264 -0.68 -22.49 -1.56
N ASN A 265 0.32 -22.07 -0.80
CA ASN A 265 1.61 -22.80 -0.70
C ASN A 265 2.28 -22.29 0.54
N HIS A 266 3.42 -22.89 0.89
CA HIS A 266 4.16 -22.58 2.12
C HIS A 266 4.66 -21.13 2.06
N ARG A 267 5.17 -20.69 0.91
CA ARG A 267 5.73 -19.32 0.76
C ARG A 267 4.61 -18.29 0.99
N ALA A 268 3.38 -18.55 0.51
CA ALA A 268 2.26 -17.60 0.70
C ALA A 268 1.87 -17.54 2.19
N ALA A 269 1.89 -18.67 2.89
CA ALA A 269 1.65 -18.70 4.34
C ALA A 269 2.73 -17.88 5.04
N LYS A 270 4.00 -18.05 4.70
CA LYS A 270 5.10 -17.35 5.41
C LYS A 270 4.98 -15.83 5.17
N ARG A 271 4.72 -15.45 3.93
CA ARG A 271 4.58 -14.06 3.46
C ARG A 271 3.48 -13.36 4.28
N LEU A 272 2.32 -14.00 4.40
CA LEU A 272 1.20 -13.45 5.21
C LEU A 272 1.65 -13.31 6.67
N TRP A 273 2.27 -14.35 7.24
CA TRP A 273 2.76 -14.31 8.64
C TRP A 273 3.68 -13.10 8.82
N LYS A 274 4.60 -12.90 7.90
CA LYS A 274 5.64 -11.84 8.08
C LYS A 274 4.99 -10.45 7.99
N VAL A 275 4.07 -10.25 7.04
CA VAL A 275 3.39 -8.92 6.93
C VAL A 275 2.51 -8.68 8.17
N CYS A 276 1.88 -9.70 8.75
CA CYS A 276 1.10 -9.59 10.01
C CYS A 276 2.01 -9.19 11.17
N VAL A 277 3.10 -9.91 11.40
CA VAL A 277 4.07 -9.58 12.48
C VAL A 277 4.55 -8.14 12.30
N GLU A 278 4.88 -7.75 11.07
CA GLU A 278 5.45 -6.39 10.81
C GLU A 278 4.40 -5.31 11.09
N HIS A 279 3.18 -5.50 10.61
CA HIS A 279 2.05 -4.57 10.88
C HIS A 279 1.83 -4.55 12.39
N HIS A 280 1.83 -5.69 13.05
CA HIS A 280 1.53 -5.70 14.52
C HIS A 280 2.60 -4.90 15.26
N THR A 281 3.86 -5.09 14.92
CA THR A 281 4.97 -4.36 15.59
C THR A 281 4.80 -2.87 15.33
N PHE A 282 4.62 -2.51 14.07
CA PHE A 282 4.61 -1.10 13.64
C PHE A 282 3.47 -0.39 14.34
N PHE A 283 2.28 -1.00 14.30
CA PHE A 283 1.03 -0.27 14.66
C PHE A 283 0.72 -0.47 16.16
N ARG A 284 1.37 -1.44 16.82
CA ARG A 284 1.43 -1.52 18.31
C ARG A 284 2.14 -0.26 18.84
N LEU A 285 3.26 0.13 18.21
CA LEU A 285 4.19 1.20 18.66
C LEU A 285 3.68 2.59 18.24
N LEU A 286 3.29 2.75 16.96
CA LEU A 286 2.95 4.06 16.34
C LEU A 286 1.97 4.81 17.26
N1 AYV B . 4.85 -12.87 17.74
C4 AYV B . 4.92 -15.28 18.26
C5 AYV B . 3.52 -12.69 17.27
C6 AYV B . 1.70 -11.00 17.26
C7 AYV B . 0.84 -10.65 18.32
C8 AYV B . -0.41 -10.16 18.04
C10 AYV B . 0.04 -10.38 15.68
C1 AYV B . 7.07 -13.95 18.12
C2 AYV B . 5.64 -14.09 17.52
C3 AYV B . 5.78 -14.39 16.00
O1 AYV B . 4.58 -14.91 15.52
O2 AYV B . 4.33 -14.87 19.45
O3 AYV B . 2.88 -13.52 16.62
N2 AYV B . 2.97 -11.44 17.61
C9 AYV B . -0.82 -10.01 16.72
C11 AYV B . 1.30 -10.87 15.93
N1 AYV C . -12.96 0.11 14.36
C4 AYV C . -14.14 1.85 12.93
C5 AYV C . -12.66 -0.95 13.45
C6 AYV C . -10.85 -2.71 13.01
C7 AYV C . -10.60 -2.47 11.64
C8 AYV C . -9.89 -3.40 10.88
C10 AYV C . -9.73 -4.83 12.80
C1 AYV C . -15.47 0.18 14.32
C2 AYV C . -14.16 0.99 14.27
C3 AYV C . -14.17 1.99 15.48
O1 AYV C . -12.92 2.65 15.54
O2 AYV C . -13.49 1.23 11.86
O3 AYV C . -13.41 -1.26 12.50
N2 AYV C . -11.44 -1.64 13.74
C9 AYV C . -9.45 -4.58 11.46
C11 AYV C . -10.45 -3.91 13.58
S DMS D . 4.39 2.69 -10.90
O DMS D . 3.98 3.12 -9.51
C1 DMS D . 3.32 1.32 -11.33
C2 DMS D . 3.70 3.89 -12.01
S DMS E . -10.27 0.08 7.90
O DMS E . -9.38 0.02 9.12
C1 DMS E . -9.20 0.51 6.54
C2 DMS E . -10.58 -1.61 7.45
C1 EDO F . 7.97 20.29 6.27
O1 EDO F . 7.19 19.71 5.23
C2 EDO F . 7.13 20.90 7.32
O2 EDO F . 5.73 20.64 7.12
C1 EDO G . 1.37 -2.63 -4.62
O1 EDO G . 2.06 -1.94 -5.65
C2 EDO G . 1.78 -2.19 -3.27
O2 EDO G . 3.00 -2.76 -2.85
C1 EDO H . -5.83 -5.71 -3.27
O1 EDO H . -5.20 -6.85 -3.84
C2 EDO H . -5.10 -4.99 -2.17
O2 EDO H . -4.28 -5.79 -1.32
C1 EDO I . -1.27 9.12 -14.16
O1 EDO I . -1.27 10.14 -15.09
C2 EDO I . -1.77 9.61 -12.86
O2 EDO I . -2.32 8.65 -11.97
C1 EDO J . 8.66 -23.99 -5.62
O1 EDO J . 9.12 -24.29 -6.93
C2 EDO J . 9.16 -22.69 -5.09
O2 EDO J . 9.38 -22.68 -3.68
C1 EDO K . -2.86 -1.53 -1.62
O1 EDO K . -1.74 -1.66 -2.47
C2 EDO K . -2.51 -1.82 -0.20
O2 EDO K . -1.57 -2.89 -0.15
#